data_1LVR
# 
_entry.id   1LVR 
# 
_audit_conform.dict_name       mmcif_pdbx.dic 
_audit_conform.dict_version    5.392 
_audit_conform.dict_location   http://mmcif.pdb.org/dictionaries/ascii/mmcif_pdbx.dic 
# 
loop_
_database_2.database_id 
_database_2.database_code 
_database_2.pdbx_database_accession 
_database_2.pdbx_DOI 
PDB   1LVR         pdb_00001lvr 10.2210/pdb1lvr/pdb 
RCSB  RCSB016322   ?            ?                   
WWPDB D_1000016322 ?            ?                   
# 
loop_
_pdbx_audit_revision_history.ordinal 
_pdbx_audit_revision_history.data_content_type 
_pdbx_audit_revision_history.major_revision 
_pdbx_audit_revision_history.minor_revision 
_pdbx_audit_revision_history.revision_date 
1 'Structure model' 1 0 2002-12-11 
2 'Structure model' 1 1 2008-04-28 
3 'Structure model' 1 2 2011-07-13 
4 'Structure model' 1 3 2021-10-27 
5 'Structure model' 1 4 2024-05-22 
# 
_pdbx_audit_revision_details.ordinal             1 
_pdbx_audit_revision_details.revision_ordinal    1 
_pdbx_audit_revision_details.data_content_type   'Structure model' 
_pdbx_audit_revision_details.provider            repository 
_pdbx_audit_revision_details.type                'Initial release' 
_pdbx_audit_revision_details.description         ? 
_pdbx_audit_revision_details.details             ? 
# 
loop_
_pdbx_audit_revision_group.ordinal 
_pdbx_audit_revision_group.revision_ordinal 
_pdbx_audit_revision_group.data_content_type 
_pdbx_audit_revision_group.group 
1 2 'Structure model' 'Version format compliance' 
2 3 'Structure model' 'Version format compliance' 
3 4 'Structure model' 'Data collection'           
4 4 'Structure model' 'Database references'       
5 4 'Structure model' 'Derived calculations'      
6 5 'Structure model' 'Data collection'           
# 
loop_
_pdbx_audit_revision_category.ordinal 
_pdbx_audit_revision_category.revision_ordinal 
_pdbx_audit_revision_category.data_content_type 
_pdbx_audit_revision_category.category 
1 4 'Structure model' database_2            
2 4 'Structure model' pdbx_nmr_software     
3 4 'Structure model' pdbx_nmr_spectrometer 
4 4 'Structure model' pdbx_struct_assembly  
5 4 'Structure model' pdbx_struct_oper_list 
6 4 'Structure model' struct_ref_seq_dif    
7 5 'Structure model' chem_comp_atom        
8 5 'Structure model' chem_comp_bond        
# 
loop_
_pdbx_audit_revision_item.ordinal 
_pdbx_audit_revision_item.revision_ordinal 
_pdbx_audit_revision_item.data_content_type 
_pdbx_audit_revision_item.item 
1 4 'Structure model' '_database_2.pdbx_DOI'                
2 4 'Structure model' '_database_2.pdbx_database_accession' 
3 4 'Structure model' '_pdbx_nmr_software.name'             
4 4 'Structure model' '_pdbx_nmr_spectrometer.model'        
5 4 'Structure model' '_struct_ref_seq_dif.details'         
# 
_pdbx_database_status.status_code                     REL 
_pdbx_database_status.entry_id                        1LVR 
_pdbx_database_status.recvd_initial_deposition_date   2002-05-29 
_pdbx_database_status.deposit_site                    RCSB 
_pdbx_database_status.process_site                    RCSB 
_pdbx_database_status.SG_entry                        . 
_pdbx_database_status.pdb_format_compatible           Y 
_pdbx_database_status.status_code_mr                  ? 
_pdbx_database_status.status_code_sf                  ? 
_pdbx_database_status.status_code_cs                  ? 
_pdbx_database_status.status_code_nmr_data            ? 
_pdbx_database_status.methods_development_category    ? 
# 
_pdbx_database_related.db_name        PDB 
_pdbx_database_related.db_id          1LVQ 
_pdbx_database_related.details        'Wild-Type IC3 Peptide' 
_pdbx_database_related.content_type   unspecified 
# 
loop_
_audit_author.name 
_audit_author.pdbx_ordinal 
'Ulfers, A.L.'  1 
'McMurry, J.L.' 2 
'Miller, A.'    3 
'Wang, L.'      4 
'Kendall, D.A.' 5 
'Mierke, D.F.'  6 
# 
_citation.id                        primary 
_citation.title                     
'Cannabinoid receptor-G protein interactions: G(alphai1)-bound structures of IC3 and a mutant with altered G protein specificity.' 
_citation.journal_abbrev            'Protein Sci.' 
_citation.journal_volume            11 
_citation.page_first                2526 
_citation.page_last                 2531 
_citation.year                      2002 
_citation.journal_id_ASTM           PRCIEI 
_citation.country                   US 
_citation.journal_id_ISSN           0961-8368 
_citation.journal_id_CSD            0795 
_citation.book_publisher            ? 
_citation.pdbx_database_id_PubMed   12237474 
_citation.pdbx_database_id_DOI      10.1110/ps.0218402 
# 
loop_
_citation_author.citation_id 
_citation_author.name 
_citation_author.ordinal 
_citation_author.identifier_ORCID 
primary 'Ulfers, A.L.'  1 ? 
primary 'McMurry, J.L.' 2 ? 
primary 'Miller, A.'    3 ? 
primary 'Wang, L.'      4 ? 
primary 'Kendall, D.A.' 5 ? 
primary 'Mierke, D.F.'  6 ? 
# 
_entity.id                         1 
_entity.type                       polymer 
_entity.src_method                 syn 
_entity.pdbx_description           'Cannabinoid receptor 1' 
_entity.formula_weight             1030.262 
_entity.pdbx_number_of_molecules   1 
_entity.pdbx_ec                    ? 
_entity.pdbx_mutation              L4A,A5L 
_entity.pdbx_fragment              'IC3 of CB1(residues 338-346)' 
_entity.details                    ? 
# 
_entity_name_com.entity_id   1 
_entity_name_com.name        'CB1, CB-R, CANN6' 
# 
_entity_poly.entity_id                      1 
_entity_poly.type                           'polypeptide(L)' 
_entity_poly.nstd_linkage                   no 
_entity_poly.nstd_monomer                   no 
_entity_poly.pdbx_seq_one_letter_code       DIRALKTLV 
_entity_poly.pdbx_seq_one_letter_code_can   DIRALKTLV 
_entity_poly.pdbx_strand_id                 A 
_entity_poly.pdbx_target_identifier         ? 
# 
loop_
_entity_poly_seq.entity_id 
_entity_poly_seq.num 
_entity_poly_seq.mon_id 
_entity_poly_seq.hetero 
1 1 ASP n 
1 2 ILE n 
1 3 ARG n 
1 4 ALA n 
1 5 LEU n 
1 6 LYS n 
1 7 THR n 
1 8 LEU n 
1 9 VAL n 
# 
_pdbx_entity_src_syn.entity_id              1 
_pdbx_entity_src_syn.pdbx_src_id            1 
_pdbx_entity_src_syn.pdbx_alt_source_flag   sample 
_pdbx_entity_src_syn.pdbx_beg_seq_num       ? 
_pdbx_entity_src_syn.pdbx_end_seq_num       ? 
_pdbx_entity_src_syn.organism_scientific    ? 
_pdbx_entity_src_syn.organism_common_name   ? 
_pdbx_entity_src_syn.ncbi_taxonomy_id       ? 
_pdbx_entity_src_syn.details                
'The protein was synthesized using solid phase synthesis. The sequence of the protein is naturally found in Homo sapiens.' 
# 
loop_
_chem_comp.id 
_chem_comp.type 
_chem_comp.mon_nstd_flag 
_chem_comp.name 
_chem_comp.pdbx_synonyms 
_chem_comp.formula 
_chem_comp.formula_weight 
ALA 'L-peptide linking' y ALANINE         ? 'C3 H7 N O2'     89.093  
ARG 'L-peptide linking' y ARGININE        ? 'C6 H15 N4 O2 1' 175.209 
ASP 'L-peptide linking' y 'ASPARTIC ACID' ? 'C4 H7 N O4'     133.103 
ILE 'L-peptide linking' y ISOLEUCINE      ? 'C6 H13 N O2'    131.173 
LEU 'L-peptide linking' y LEUCINE         ? 'C6 H13 N O2'    131.173 
LYS 'L-peptide linking' y LYSINE          ? 'C6 H15 N2 O2 1' 147.195 
THR 'L-peptide linking' y THREONINE       ? 'C4 H9 N O3'     119.119 
VAL 'L-peptide linking' y VALINE          ? 'C5 H11 N O2'    117.146 
# 
loop_
_pdbx_poly_seq_scheme.asym_id 
_pdbx_poly_seq_scheme.entity_id 
_pdbx_poly_seq_scheme.seq_id 
_pdbx_poly_seq_scheme.mon_id 
_pdbx_poly_seq_scheme.ndb_seq_num 
_pdbx_poly_seq_scheme.pdb_seq_num 
_pdbx_poly_seq_scheme.auth_seq_num 
_pdbx_poly_seq_scheme.pdb_mon_id 
_pdbx_poly_seq_scheme.auth_mon_id 
_pdbx_poly_seq_scheme.pdb_strand_id 
_pdbx_poly_seq_scheme.pdb_ins_code 
_pdbx_poly_seq_scheme.hetero 
A 1 1 ASP 1 1 1 ASP ASP A . n 
A 1 2 ILE 2 2 2 ILE ILE A . n 
A 1 3 ARG 3 3 3 ARG ARG A . n 
A 1 4 ALA 4 4 4 ALA ALA A . n 
A 1 5 LEU 5 5 5 LEU LEU A . n 
A 1 6 LYS 6 6 6 LYS LYS A . n 
A 1 7 THR 7 7 7 THR THR A . n 
A 1 8 LEU 8 8 8 LEU LEU A . n 
A 1 9 VAL 9 9 9 VAL VAL A . n 
# 
_exptl.entry_id          1LVR 
_exptl.method            'SOLUTION NMR' 
_exptl.crystals_number   ? 
# 
_exptl_crystal.id                    1 
_exptl_crystal.density_meas          ? 
_exptl_crystal.density_Matthews      ? 
_exptl_crystal.density_percent_sol   ? 
_exptl_crystal.description           ? 
# 
_diffrn.id                     1 
_diffrn.crystal_id             1 
_diffrn.ambient_temp           ? 
_diffrn.ambient_temp_details   ? 
# 
_diffrn_radiation.diffrn_id                        1 
_diffrn_radiation.wavelength_id                    1 
_diffrn_radiation.pdbx_monochromatic_or_laue_m_l   M 
_diffrn_radiation.monochromator                    ? 
_diffrn_radiation.pdbx_diffrn_protocol             'SINGLE WAVELENGTH' 
_diffrn_radiation.pdbx_scattering_type             ? 
# 
_diffrn_radiation_wavelength.id           1 
_diffrn_radiation_wavelength.wavelength   . 
_diffrn_radiation_wavelength.wt           1.0 
# 
_struct.entry_id                  1LVR 
_struct.title                     'IC3 of CB1 (L431A,A432L) Bound to G(alpha)i' 
_struct.pdbx_model_details        ? 
_struct.pdbx_CASP_flag            ? 
_struct.pdbx_model_type_details   ? 
# 
_struct_keywords.entry_id        1LVR 
_struct_keywords.pdbx_keywords   'SIGNALING PROTEIN' 
_struct_keywords.text            
'intracellular loop 3 (IC3), cannabinoid 1 receptor (CB1), alpha domain of G protein i, transferred NOEs, SIGNALING PROTEIN' 
# 
_struct_asym.id                            A 
_struct_asym.pdbx_blank_PDB_chainid_flag   N 
_struct_asym.pdbx_modified                 N 
_struct_asym.entity_id                     1 
_struct_asym.details                       ? 
# 
_struct_ref.id                         1 
_struct_ref.db_name                    UNP 
_struct_ref.db_code                    CNR1_HUMAN 
_struct_ref.entity_id                  1 
_struct_ref.pdbx_seq_one_letter_code   DIRLAKTLV 
_struct_ref.pdbx_align_begin           338 
_struct_ref.pdbx_db_accession          P21554 
_struct_ref.pdbx_db_isoform            ? 
# 
_struct_ref_seq.align_id                      1 
_struct_ref_seq.ref_id                        1 
_struct_ref_seq.pdbx_PDB_id_code              1LVR 
_struct_ref_seq.pdbx_strand_id                A 
_struct_ref_seq.seq_align_beg                 1 
_struct_ref_seq.pdbx_seq_align_beg_ins_code   ? 
_struct_ref_seq.seq_align_end                 9 
_struct_ref_seq.pdbx_seq_align_end_ins_code   ? 
_struct_ref_seq.pdbx_db_accession             P21554 
_struct_ref_seq.db_align_beg                  338 
_struct_ref_seq.pdbx_db_align_beg_ins_code    ? 
_struct_ref_seq.db_align_end                  346 
_struct_ref_seq.pdbx_db_align_end_ins_code    ? 
_struct_ref_seq.pdbx_auth_seq_align_beg       1 
_struct_ref_seq.pdbx_auth_seq_align_end       9 
# 
loop_
_struct_ref_seq_dif.align_id 
_struct_ref_seq_dif.pdbx_pdb_id_code 
_struct_ref_seq_dif.mon_id 
_struct_ref_seq_dif.pdbx_pdb_strand_id 
_struct_ref_seq_dif.seq_num 
_struct_ref_seq_dif.pdbx_pdb_ins_code 
_struct_ref_seq_dif.pdbx_seq_db_name 
_struct_ref_seq_dif.pdbx_seq_db_accession_code 
_struct_ref_seq_dif.db_mon_id 
_struct_ref_seq_dif.pdbx_seq_db_seq_num 
_struct_ref_seq_dif.details 
_struct_ref_seq_dif.pdbx_auth_seq_num 
_struct_ref_seq_dif.pdbx_ordinal 
1 1LVR ALA A 4 ? UNP P21554 LEU 341 'engineered mutation' 4 1 
1 1LVR LEU A 5 ? UNP P21554 ALA 342 'engineered mutation' 5 2 
# 
_pdbx_struct_assembly.id                   1 
_pdbx_struct_assembly.details              author_defined_assembly 
_pdbx_struct_assembly.method_details       ? 
_pdbx_struct_assembly.oligomeric_details   monomeric 
_pdbx_struct_assembly.oligomeric_count     1 
# 
_pdbx_struct_assembly_gen.assembly_id       1 
_pdbx_struct_assembly_gen.oper_expression   1 
_pdbx_struct_assembly_gen.asym_id_list      A 
# 
_pdbx_struct_oper_list.id                   1 
_pdbx_struct_oper_list.type                 'identity operation' 
_pdbx_struct_oper_list.name                 1_555 
_pdbx_struct_oper_list.symmetry_operation   ? 
_pdbx_struct_oper_list.matrix[1][1]         1.0000000000 
_pdbx_struct_oper_list.matrix[1][2]         0.0000000000 
_pdbx_struct_oper_list.matrix[1][3]         0.0000000000 
_pdbx_struct_oper_list.vector[1]            0.0000000000 
_pdbx_struct_oper_list.matrix[2][1]         0.0000000000 
_pdbx_struct_oper_list.matrix[2][2]         1.0000000000 
_pdbx_struct_oper_list.matrix[2][3]         0.0000000000 
_pdbx_struct_oper_list.vector[2]            0.0000000000 
_pdbx_struct_oper_list.matrix[3][1]         0.0000000000 
_pdbx_struct_oper_list.matrix[3][2]         0.0000000000 
_pdbx_struct_oper_list.matrix[3][3]         1.0000000000 
_pdbx_struct_oper_list.vector[3]            0.0000000000 
# 
_struct_biol.id   1 
# 
_pdbx_validate_rmsd_angle.id                         1 
_pdbx_validate_rmsd_angle.PDB_model_num              1 
_pdbx_validate_rmsd_angle.auth_atom_id_1             NE 
_pdbx_validate_rmsd_angle.auth_asym_id_1             A 
_pdbx_validate_rmsd_angle.auth_comp_id_1             ARG 
_pdbx_validate_rmsd_angle.auth_seq_id_1              3 
_pdbx_validate_rmsd_angle.PDB_ins_code_1             ? 
_pdbx_validate_rmsd_angle.label_alt_id_1             ? 
_pdbx_validate_rmsd_angle.auth_atom_id_2             CZ 
_pdbx_validate_rmsd_angle.auth_asym_id_2             A 
_pdbx_validate_rmsd_angle.auth_comp_id_2             ARG 
_pdbx_validate_rmsd_angle.auth_seq_id_2              3 
_pdbx_validate_rmsd_angle.PDB_ins_code_2             ? 
_pdbx_validate_rmsd_angle.label_alt_id_2             ? 
_pdbx_validate_rmsd_angle.auth_atom_id_3             NH1 
_pdbx_validate_rmsd_angle.auth_asym_id_3             A 
_pdbx_validate_rmsd_angle.auth_comp_id_3             ARG 
_pdbx_validate_rmsd_angle.auth_seq_id_3              3 
_pdbx_validate_rmsd_angle.PDB_ins_code_3             ? 
_pdbx_validate_rmsd_angle.label_alt_id_3             ? 
_pdbx_validate_rmsd_angle.angle_value                123.97 
_pdbx_validate_rmsd_angle.angle_target_value         120.30 
_pdbx_validate_rmsd_angle.angle_deviation            3.67 
_pdbx_validate_rmsd_angle.angle_standard_deviation   0.50 
_pdbx_validate_rmsd_angle.linker_flag                N 
# 
loop_
_pdbx_validate_torsion.id 
_pdbx_validate_torsion.PDB_model_num 
_pdbx_validate_torsion.auth_comp_id 
_pdbx_validate_torsion.auth_asym_id 
_pdbx_validate_torsion.auth_seq_id 
_pdbx_validate_torsion.PDB_ins_code 
_pdbx_validate_torsion.label_alt_id 
_pdbx_validate_torsion.phi 
_pdbx_validate_torsion.psi 
1 1 ARG A 3 ? ? -138.05 -74.39 
2 1 ALA A 4 ? ? -131.33 -91.32 
3 1 THR A 7 ? ? -121.46 -55.92 
# 
_pdbx_nmr_ensemble.entry_id                                      1LVR 
_pdbx_nmr_ensemble.conformers_calculated_total_number            20 
_pdbx_nmr_ensemble.conformers_submitted_total_number             1 
_pdbx_nmr_ensemble.conformer_selection_criteria                  'back calculated data agree with experimental NOESY spectrum' 
_pdbx_nmr_ensemble.average_constraints_per_residue               ? 
_pdbx_nmr_ensemble.average_constraint_violations_per_residue     ? 
_pdbx_nmr_ensemble.maximum_distance_constraint_violation         ? 
_pdbx_nmr_ensemble.average_distance_constraint_violation         ? 
_pdbx_nmr_ensemble.maximum_upper_distance_constraint_violation   ? 
_pdbx_nmr_ensemble.maximum_lower_distance_constraint_violation   ? 
_pdbx_nmr_ensemble.distance_constraint_violation_method          ? 
_pdbx_nmr_ensemble.maximum_torsion_angle_constraint_violation    ? 
_pdbx_nmr_ensemble.average_torsion_angle_constraint_violation    ? 
_pdbx_nmr_ensemble.torsion_angle_constraint_violation_method     ? 
# 
_pdbx_nmr_sample_details.solution_id      1 
_pdbx_nmr_sample_details.contents         
;ALKT 4.0 mM 
G(alpha)i 200 uM
;
_pdbx_nmr_sample_details.solvent_system   'acetate buffer, 10 mM' 
# 
_pdbx_nmr_exptl_sample_conditions.conditions_id       1 
_pdbx_nmr_exptl_sample_conditions.temperature         308 
_pdbx_nmr_exptl_sample_conditions.pressure            1 
_pdbx_nmr_exptl_sample_conditions.pH                  6.0 
_pdbx_nmr_exptl_sample_conditions.ionic_strength      '10 mM acetate buffer' 
_pdbx_nmr_exptl_sample_conditions.pressure_units      atm 
_pdbx_nmr_exptl_sample_conditions.temperature_units   K 
# 
loop_
_pdbx_nmr_exptl.experiment_id 
_pdbx_nmr_exptl.solution_id 
_pdbx_nmr_exptl.conditions_id 
_pdbx_nmr_exptl.type 
1 1 1 '2D NOESY' 
2 1 1 '2D TOCSY' 
# 
_pdbx_nmr_details.entry_id   1LVR 
_pdbx_nmr_details.text       'transferred NOEs, build up rates from 6 mixing times' 
# 
_pdbx_nmr_refine.entry_id           1LVR 
_pdbx_nmr_refine.method             
;metric matrix distance geometry to generate initial ensemble of structures; 20 lowest penalty structures used for ensemble-based IRMA refinement
;
_pdbx_nmr_refine.details            ? 
_pdbx_nmr_refine.software_ordinal   1 
# 
loop_
_pdbx_nmr_software.name 
_pdbx_nmr_software.version 
_pdbx_nmr_software.classification 
_pdbx_nmr_software.authors 
_pdbx_nmr_software.ordinal 
Felix 'msi 95'       'data analysis'               hare    1 
DGII  'home written' refinement                    havel   2 
IRMA  2              'iterative matrix relaxation' Boelens 3 
# 
loop_
_chem_comp_atom.comp_id 
_chem_comp_atom.atom_id 
_chem_comp_atom.type_symbol 
_chem_comp_atom.pdbx_aromatic_flag 
_chem_comp_atom.pdbx_stereo_config 
_chem_comp_atom.pdbx_ordinal 
ALA N    N N N 1   
ALA CA   C N S 2   
ALA C    C N N 3   
ALA O    O N N 4   
ALA CB   C N N 5   
ALA OXT  O N N 6   
ALA H    H N N 7   
ALA H2   H N N 8   
ALA HA   H N N 9   
ALA HB1  H N N 10  
ALA HB2  H N N 11  
ALA HB3  H N N 12  
ALA HXT  H N N 13  
ARG N    N N N 14  
ARG CA   C N S 15  
ARG C    C N N 16  
ARG O    O N N 17  
ARG CB   C N N 18  
ARG CG   C N N 19  
ARG CD   C N N 20  
ARG NE   N N N 21  
ARG CZ   C N N 22  
ARG NH1  N N N 23  
ARG NH2  N N N 24  
ARG OXT  O N N 25  
ARG H    H N N 26  
ARG H2   H N N 27  
ARG HA   H N N 28  
ARG HB2  H N N 29  
ARG HB3  H N N 30  
ARG HG2  H N N 31  
ARG HG3  H N N 32  
ARG HD2  H N N 33  
ARG HD3  H N N 34  
ARG HE   H N N 35  
ARG HH11 H N N 36  
ARG HH12 H N N 37  
ARG HH21 H N N 38  
ARG HH22 H N N 39  
ARG HXT  H N N 40  
ASP N    N N N 41  
ASP CA   C N S 42  
ASP C    C N N 43  
ASP O    O N N 44  
ASP CB   C N N 45  
ASP CG   C N N 46  
ASP OD1  O N N 47  
ASP OD2  O N N 48  
ASP OXT  O N N 49  
ASP H    H N N 50  
ASP H2   H N N 51  
ASP HA   H N N 52  
ASP HB2  H N N 53  
ASP HB3  H N N 54  
ASP HD2  H N N 55  
ASP HXT  H N N 56  
ILE N    N N N 57  
ILE CA   C N S 58  
ILE C    C N N 59  
ILE O    O N N 60  
ILE CB   C N S 61  
ILE CG1  C N N 62  
ILE CG2  C N N 63  
ILE CD1  C N N 64  
ILE OXT  O N N 65  
ILE H    H N N 66  
ILE H2   H N N 67  
ILE HA   H N N 68  
ILE HB   H N N 69  
ILE HG12 H N N 70  
ILE HG13 H N N 71  
ILE HG21 H N N 72  
ILE HG22 H N N 73  
ILE HG23 H N N 74  
ILE HD11 H N N 75  
ILE HD12 H N N 76  
ILE HD13 H N N 77  
ILE HXT  H N N 78  
LEU N    N N N 79  
LEU CA   C N S 80  
LEU C    C N N 81  
LEU O    O N N 82  
LEU CB   C N N 83  
LEU CG   C N N 84  
LEU CD1  C N N 85  
LEU CD2  C N N 86  
LEU OXT  O N N 87  
LEU H    H N N 88  
LEU H2   H N N 89  
LEU HA   H N N 90  
LEU HB2  H N N 91  
LEU HB3  H N N 92  
LEU HG   H N N 93  
LEU HD11 H N N 94  
LEU HD12 H N N 95  
LEU HD13 H N N 96  
LEU HD21 H N N 97  
LEU HD22 H N N 98  
LEU HD23 H N N 99  
LEU HXT  H N N 100 
LYS N    N N N 101 
LYS CA   C N S 102 
LYS C    C N N 103 
LYS O    O N N 104 
LYS CB   C N N 105 
LYS CG   C N N 106 
LYS CD   C N N 107 
LYS CE   C N N 108 
LYS NZ   N N N 109 
LYS OXT  O N N 110 
LYS H    H N N 111 
LYS H2   H N N 112 
LYS HA   H N N 113 
LYS HB2  H N N 114 
LYS HB3  H N N 115 
LYS HG2  H N N 116 
LYS HG3  H N N 117 
LYS HD2  H N N 118 
LYS HD3  H N N 119 
LYS HE2  H N N 120 
LYS HE3  H N N 121 
LYS HZ1  H N N 122 
LYS HZ2  H N N 123 
LYS HZ3  H N N 124 
LYS HXT  H N N 125 
THR N    N N N 126 
THR CA   C N S 127 
THR C    C N N 128 
THR O    O N N 129 
THR CB   C N R 130 
THR OG1  O N N 131 
THR CG2  C N N 132 
THR OXT  O N N 133 
THR H    H N N 134 
THR H2   H N N 135 
THR HA   H N N 136 
THR HB   H N N 137 
THR HG1  H N N 138 
THR HG21 H N N 139 
THR HG22 H N N 140 
THR HG23 H N N 141 
THR HXT  H N N 142 
VAL N    N N N 143 
VAL CA   C N S 144 
VAL C    C N N 145 
VAL O    O N N 146 
VAL CB   C N N 147 
VAL CG1  C N N 148 
VAL CG2  C N N 149 
VAL OXT  O N N 150 
VAL H    H N N 151 
VAL H2   H N N 152 
VAL HA   H N N 153 
VAL HB   H N N 154 
VAL HG11 H N N 155 
VAL HG12 H N N 156 
VAL HG13 H N N 157 
VAL HG21 H N N 158 
VAL HG22 H N N 159 
VAL HG23 H N N 160 
VAL HXT  H N N 161 
# 
loop_
_chem_comp_bond.comp_id 
_chem_comp_bond.atom_id_1 
_chem_comp_bond.atom_id_2 
_chem_comp_bond.value_order 
_chem_comp_bond.pdbx_aromatic_flag 
_chem_comp_bond.pdbx_stereo_config 
_chem_comp_bond.pdbx_ordinal 
ALA N   CA   sing N N 1   
ALA N   H    sing N N 2   
ALA N   H2   sing N N 3   
ALA CA  C    sing N N 4   
ALA CA  CB   sing N N 5   
ALA CA  HA   sing N N 6   
ALA C   O    doub N N 7   
ALA C   OXT  sing N N 8   
ALA CB  HB1  sing N N 9   
ALA CB  HB2  sing N N 10  
ALA CB  HB3  sing N N 11  
ALA OXT HXT  sing N N 12  
ARG N   CA   sing N N 13  
ARG N   H    sing N N 14  
ARG N   H2   sing N N 15  
ARG CA  C    sing N N 16  
ARG CA  CB   sing N N 17  
ARG CA  HA   sing N N 18  
ARG C   O    doub N N 19  
ARG C   OXT  sing N N 20  
ARG CB  CG   sing N N 21  
ARG CB  HB2  sing N N 22  
ARG CB  HB3  sing N N 23  
ARG CG  CD   sing N N 24  
ARG CG  HG2  sing N N 25  
ARG CG  HG3  sing N N 26  
ARG CD  NE   sing N N 27  
ARG CD  HD2  sing N N 28  
ARG CD  HD3  sing N N 29  
ARG NE  CZ   sing N N 30  
ARG NE  HE   sing N N 31  
ARG CZ  NH1  sing N N 32  
ARG CZ  NH2  doub N N 33  
ARG NH1 HH11 sing N N 34  
ARG NH1 HH12 sing N N 35  
ARG NH2 HH21 sing N N 36  
ARG NH2 HH22 sing N N 37  
ARG OXT HXT  sing N N 38  
ASP N   CA   sing N N 39  
ASP N   H    sing N N 40  
ASP N   H2   sing N N 41  
ASP CA  C    sing N N 42  
ASP CA  CB   sing N N 43  
ASP CA  HA   sing N N 44  
ASP C   O    doub N N 45  
ASP C   OXT  sing N N 46  
ASP CB  CG   sing N N 47  
ASP CB  HB2  sing N N 48  
ASP CB  HB3  sing N N 49  
ASP CG  OD1  doub N N 50  
ASP CG  OD2  sing N N 51  
ASP OD2 HD2  sing N N 52  
ASP OXT HXT  sing N N 53  
ILE N   CA   sing N N 54  
ILE N   H    sing N N 55  
ILE N   H2   sing N N 56  
ILE CA  C    sing N N 57  
ILE CA  CB   sing N N 58  
ILE CA  HA   sing N N 59  
ILE C   O    doub N N 60  
ILE C   OXT  sing N N 61  
ILE CB  CG1  sing N N 62  
ILE CB  CG2  sing N N 63  
ILE CB  HB   sing N N 64  
ILE CG1 CD1  sing N N 65  
ILE CG1 HG12 sing N N 66  
ILE CG1 HG13 sing N N 67  
ILE CG2 HG21 sing N N 68  
ILE CG2 HG22 sing N N 69  
ILE CG2 HG23 sing N N 70  
ILE CD1 HD11 sing N N 71  
ILE CD1 HD12 sing N N 72  
ILE CD1 HD13 sing N N 73  
ILE OXT HXT  sing N N 74  
LEU N   CA   sing N N 75  
LEU N   H    sing N N 76  
LEU N   H2   sing N N 77  
LEU CA  C    sing N N 78  
LEU CA  CB   sing N N 79  
LEU CA  HA   sing N N 80  
LEU C   O    doub N N 81  
LEU C   OXT  sing N N 82  
LEU CB  CG   sing N N 83  
LEU CB  HB2  sing N N 84  
LEU CB  HB3  sing N N 85  
LEU CG  CD1  sing N N 86  
LEU CG  CD2  sing N N 87  
LEU CG  HG   sing N N 88  
LEU CD1 HD11 sing N N 89  
LEU CD1 HD12 sing N N 90  
LEU CD1 HD13 sing N N 91  
LEU CD2 HD21 sing N N 92  
LEU CD2 HD22 sing N N 93  
LEU CD2 HD23 sing N N 94  
LEU OXT HXT  sing N N 95  
LYS N   CA   sing N N 96  
LYS N   H    sing N N 97  
LYS N   H2   sing N N 98  
LYS CA  C    sing N N 99  
LYS CA  CB   sing N N 100 
LYS CA  HA   sing N N 101 
LYS C   O    doub N N 102 
LYS C   OXT  sing N N 103 
LYS CB  CG   sing N N 104 
LYS CB  HB2  sing N N 105 
LYS CB  HB3  sing N N 106 
LYS CG  CD   sing N N 107 
LYS CG  HG2  sing N N 108 
LYS CG  HG3  sing N N 109 
LYS CD  CE   sing N N 110 
LYS CD  HD2  sing N N 111 
LYS CD  HD3  sing N N 112 
LYS CE  NZ   sing N N 113 
LYS CE  HE2  sing N N 114 
LYS CE  HE3  sing N N 115 
LYS NZ  HZ1  sing N N 116 
LYS NZ  HZ2  sing N N 117 
LYS NZ  HZ3  sing N N 118 
LYS OXT HXT  sing N N 119 
THR N   CA   sing N N 120 
THR N   H    sing N N 121 
THR N   H2   sing N N 122 
THR CA  C    sing N N 123 
THR CA  CB   sing N N 124 
THR CA  HA   sing N N 125 
THR C   O    doub N N 126 
THR C   OXT  sing N N 127 
THR CB  OG1  sing N N 128 
THR CB  CG2  sing N N 129 
THR CB  HB   sing N N 130 
THR OG1 HG1  sing N N 131 
THR CG2 HG21 sing N N 132 
THR CG2 HG22 sing N N 133 
THR CG2 HG23 sing N N 134 
THR OXT HXT  sing N N 135 
VAL N   CA   sing N N 136 
VAL N   H    sing N N 137 
VAL N   H2   sing N N 138 
VAL CA  C    sing N N 139 
VAL CA  CB   sing N N 140 
VAL CA  HA   sing N N 141 
VAL C   O    doub N N 142 
VAL C   OXT  sing N N 143 
VAL CB  CG1  sing N N 144 
VAL CB  CG2  sing N N 145 
VAL CB  HB   sing N N 146 
VAL CG1 HG11 sing N N 147 
VAL CG1 HG12 sing N N 148 
VAL CG1 HG13 sing N N 149 
VAL CG2 HG21 sing N N 150 
VAL CG2 HG22 sing N N 151 
VAL CG2 HG23 sing N N 152 
VAL OXT HXT  sing N N 153 
# 
_pdbx_nmr_spectrometer.spectrometer_id   1 
_pdbx_nmr_spectrometer.type              ? 
_pdbx_nmr_spectrometer.manufacturer      Bruker 
_pdbx_nmr_spectrometer.model             AVANCE 
_pdbx_nmr_spectrometer.field_strength    600 
# 
_atom_sites.entry_id                    1LVR 
_atom_sites.fract_transf_matrix[1][1]   1.000000 
_atom_sites.fract_transf_matrix[1][2]   0.000000 
_atom_sites.fract_transf_matrix[1][3]   0.000000 
_atom_sites.fract_transf_matrix[2][1]   0.000000 
_atom_sites.fract_transf_matrix[2][2]   1.000000 
_atom_sites.fract_transf_matrix[2][3]   0.000000 
_atom_sites.fract_transf_matrix[3][1]   0.000000 
_atom_sites.fract_transf_matrix[3][2]   0.000000 
_atom_sites.fract_transf_matrix[3][3]   1.000000 
_atom_sites.fract_transf_vector[1]      0.00000 
_atom_sites.fract_transf_vector[2]      0.00000 
_atom_sites.fract_transf_vector[3]      0.00000 
# 
loop_
_atom_type.symbol 
C 
H 
N 
O 
# 
loop_
_atom_site.group_PDB 
_atom_site.id 
_atom_site.type_symbol 
_atom_site.label_atom_id 
_atom_site.label_alt_id 
_atom_site.label_comp_id 
_atom_site.label_asym_id 
_atom_site.label_entity_id 
_atom_site.label_seq_id 
_atom_site.pdbx_PDB_ins_code 
_atom_site.Cartn_x 
_atom_site.Cartn_y 
_atom_site.Cartn_z 
_atom_site.occupancy 
_atom_site.B_iso_or_equiv 
_atom_site.pdbx_formal_charge 
_atom_site.auth_seq_id 
_atom_site.auth_comp_id 
_atom_site.auth_asym_id 
_atom_site.auth_atom_id 
_atom_site.pdbx_PDB_model_num 
ATOM 1   N N    . ASP A 1 1 ? 5.472  -0.669 4.578  1.00 0.00 ? 1 ASP A N    1 
ATOM 2   C CA   . ASP A 1 1 ? 4.086  -1.190 4.678  1.00 0.00 ? 1 ASP A CA   1 
ATOM 3   C C    . ASP A 1 1 ? 3.056  -0.035 4.532  1.00 0.00 ? 1 ASP A C    1 
ATOM 4   O O    . ASP A 1 1 ? 2.348  0.010  3.522  1.00 0.00 ? 1 ASP A O    1 
ATOM 5   C CB   . ASP A 1 1 ? 3.872  -2.056 5.952  1.00 0.00 ? 1 ASP A CB   1 
ATOM 6   C CG   . ASP A 1 1 ? 4.616  -3.400 5.963  1.00 0.00 ? 1 ASP A CG   1 
ATOM 7   O OD1  . ASP A 1 1 ? 4.085  -4.388 5.409  1.00 0.00 ? 1 ASP A OD1  1 
ATOM 8   O OD2  . ASP A 1 1 ? 5.731  -3.471 6.523  1.00 0.00 ? 1 ASP A OD2  1 
ATOM 9   H H1   . ASP A 1 1 ? 5.621  -0.145 3.709  1.00 0.00 ? 1 ASP A H1   1 
ATOM 10  H H2   . ASP A 1 1 ? 6.164  -1.427 4.600  1.00 0.00 ? 1 ASP A H2   1 
ATOM 11  H H3   . ASP A 1 1 ? 5.694  -0.037 5.356  1.00 0.00 ? 1 ASP A H3   1 
ATOM 12  H HA   . ASP A 1 1 ? 3.935  -1.855 3.806  1.00 0.00 ? 1 ASP A HA   1 
ATOM 13  H HB2  . ASP A 1 1 ? 4.141  -1.482 6.860  1.00 0.00 ? 1 ASP A HB2  1 
ATOM 14  H HB3  . ASP A 1 1 ? 2.793  -2.272 6.070  1.00 0.00 ? 1 ASP A HB3  1 
ATOM 15  N N    . ILE A 1 2 ? 2.970  0.889  5.516  1.00 0.00 ? 2 ILE A N    1 
ATOM 16  C CA   . ILE A 1 2 ? 2.015  2.035  5.491  1.00 0.00 ? 2 ILE A CA   1 
ATOM 17  C C    . ILE A 1 2 ? 2.632  3.209  4.666  1.00 0.00 ? 2 ILE A C    1 
ATOM 18  O O    . ILE A 1 2 ? 3.690  3.741  5.015  1.00 0.00 ? 2 ILE A O    1 
ATOM 19  C CB   . ILE A 1 2 ? 1.548  2.390  6.951  1.00 0.00 ? 2 ILE A CB   1 
ATOM 20  C CG1  . ILE A 1 2 ? 0.234  3.224  7.035  1.00 0.00 ? 2 ILE A CG1  1 
ATOM 21  C CG2  . ILE A 1 2 ? 2.640  2.933  7.911  1.00 0.00 ? 2 ILE A CG2  1 
ATOM 22  C CD1  . ILE A 1 2 ? 0.284  4.720  6.675  1.00 0.00 ? 2 ILE A CD1  1 
ATOM 23  H H    . ILE A 1 2 ? 3.613  0.740  6.302  1.00 0.00 ? 2 ILE A H    1 
ATOM 24  H HA   . ILE A 1 2 ? 1.097  1.679  4.981  1.00 0.00 ? 2 ILE A HA   1 
ATOM 25  H HB   . ILE A 1 2 ? 1.251  1.420  7.401  1.00 0.00 ? 2 ILE A HB   1 
ATOM 26  H HG12 . ILE A 1 2 ? -0.542 2.741  6.412  1.00 0.00 ? 2 ILE A HG12 1 
ATOM 27  H HG13 . ILE A 1 2 ? -0.162 3.146  8.066  1.00 0.00 ? 2 ILE A HG13 1 
ATOM 28  H HG21 . ILE A 1 2 ? 2.258  3.039  8.943  1.00 0.00 ? 2 ILE A HG21 1 
ATOM 29  H HG22 . ILE A 1 2 ? 3.015  3.925  7.600  1.00 0.00 ? 2 ILE A HG22 1 
ATOM 30  H HG23 . ILE A 1 2 ? 3.512  2.257  7.963  1.00 0.00 ? 2 ILE A HG23 1 
ATOM 31  H HD11 . ILE A 1 2 ? 1.017  5.270  7.292  1.00 0.00 ? 2 ILE A HD11 1 
ATOM 32  H HD12 . ILE A 1 2 ? -0.699 5.195  6.842  1.00 0.00 ? 2 ILE A HD12 1 
ATOM 33  H HD13 . ILE A 1 2 ? 0.544  4.888  5.616  1.00 0.00 ? 2 ILE A HD13 1 
ATOM 34  N N    . ARG A 1 3 ? 1.954  3.581  3.566  1.00 0.00 ? 3 ARG A N    1 
ATOM 35  C CA   . ARG A 1 3 ? 2.389  4.688  2.670  1.00 0.00 ? 3 ARG A CA   1 
ATOM 36  C C    . ARG A 1 3 ? 1.128  5.512  2.280  1.00 0.00 ? 3 ARG A C    1 
ATOM 37  O O    . ARG A 1 3 ? 0.965  6.621  2.799  1.00 0.00 ? 3 ARG A O    1 
ATOM 38  C CB   . ARG A 1 3 ? 3.263  4.127  1.510  1.00 0.00 ? 3 ARG A CB   1 
ATOM 39  C CG   . ARG A 1 3 ? 4.064  5.150  0.669  1.00 0.00 ? 3 ARG A CG   1 
ATOM 40  C CD   . ARG A 1 3 ? 3.233  5.971  -0.338 1.00 0.00 ? 3 ARG A CD   1 
ATOM 41  N NE   . ARG A 1 3 ? 4.102  6.763  -1.240 1.00 0.00 ? 3 ARG A NE   1 
ATOM 42  C CZ   . ARG A 1 3 ? 3.649  7.520  -2.259 1.00 0.00 ? 3 ARG A CZ   1 
ATOM 43  N NH1  . ARG A 1 3 ? 2.360  7.662  -2.565 1.00 0.00 ? 3 ARG A NH1  1 
ATOM 44  N NH2  . ARG A 1 3 ? 4.536  8.157  -3.000 1.00 0.00 ? 3 ARG A NH2  1 
ATOM 45  H H    . ARG A 1 3 ? 1.094  3.050  3.390  1.00 0.00 ? 3 ARG A H    1 
ATOM 46  H HA   . ARG A 1 3 ? 3.039  5.378  3.245  1.00 0.00 ? 3 ARG A HA   1 
ATOM 47  H HB2  . ARG A 1 3 ? 4.014  3.438  1.944  1.00 0.00 ? 3 ARG A HB2  1 
ATOM 48  H HB3  . ARG A 1 3 ? 2.658  3.485  0.842  1.00 0.00 ? 3 ARG A HB3  1 
ATOM 49  H HG2  . ARG A 1 3 ? 4.627  5.827  1.340  1.00 0.00 ? 3 ARG A HG2  1 
ATOM 50  H HG3  . ARG A 1 3 ? 4.838  4.586  0.115  1.00 0.00 ? 3 ARG A HG3  1 
ATOM 51  H HD2  . ARG A 1 3 ? 2.593  5.293  -0.935 1.00 0.00 ? 3 ARG A HD2  1 
ATOM 52  H HD3  . ARG A 1 3 ? 2.551  6.654  0.200  1.00 0.00 ? 3 ARG A HD3  1 
ATOM 53  H HE   . ARG A 1 3 ? 5.123  6.759  -1.137 1.00 0.00 ? 3 ARG A HE   1 
ATOM 54  H HH11 . ARG A 1 3 ? 1.690  7.158  -1.976 1.00 0.00 ? 3 ARG A HH11 1 
ATOM 55  H HH12 . ARG A 1 3 ? 2.141  8.264  -3.367 1.00 0.00 ? 3 ARG A HH12 1 
ATOM 56  H HH21 . ARG A 1 3 ? 5.522  8.030  -2.747 1.00 0.00 ? 3 ARG A HH21 1 
ATOM 57  H HH22 . ARG A 1 3 ? 4.167  8.724  -3.772 1.00 0.00 ? 3 ARG A HH22 1 
ATOM 58  N N    . ALA A 1 4 ? 0.257  4.996  1.385  1.00 0.00 ? 4 ALA A N    1 
ATOM 59  C CA   . ALA A 1 4 ? -0.986 5.692  0.958  1.00 0.00 ? 4 ALA A CA   1 
ATOM 60  C C    . ALA A 1 4 ? -2.151 4.669  1.062  1.00 0.00 ? 4 ALA A C    1 
ATOM 61  O O    . ALA A 1 4 ? -2.753 4.575  2.136  1.00 0.00 ? 4 ALA A O    1 
ATOM 62  C CB   . ALA A 1 4 ? -0.770 6.386  -0.406 1.00 0.00 ? 4 ALA A CB   1 
ATOM 63  H H    . ALA A 1 4 ? 0.508  4.068  1.027  1.00 0.00 ? 4 ALA A H    1 
ATOM 64  H HA   . ALA A 1 4 ? -1.233 6.501  1.673  1.00 0.00 ? 4 ALA A HA   1 
ATOM 65  H HB1  . ALA A 1 4 ? -1.686 6.905  -0.742 1.00 0.00 ? 4 ALA A HB1  1 
ATOM 66  H HB2  . ALA A 1 4 ? 0.030  7.149  -0.351 1.00 0.00 ? 4 ALA A HB2  1 
ATOM 67  H HB3  . ALA A 1 4 ? -0.486 5.672  -1.202 1.00 0.00 ? 4 ALA A HB3  1 
ATOM 68  N N    . LEU A 1 5 ? -2.474 3.915  -0.012 1.00 0.00 ? 5 LEU A N    1 
ATOM 69  C CA   . LEU A 1 5 ? -3.540 2.876  0.018  1.00 0.00 ? 5 LEU A CA   1 
ATOM 70  C C    . LEU A 1 5 ? -3.086 1.742  -0.945 1.00 0.00 ? 5 LEU A C    1 
ATOM 71  O O    . LEU A 1 5 ? -3.406 1.736  -2.138 1.00 0.00 ? 5 LEU A O    1 
ATOM 72  C CB   . LEU A 1 5 ? -4.945 3.488  -0.286 1.00 0.00 ? 5 LEU A CB   1 
ATOM 73  C CG   . LEU A 1 5 ? -6.217 2.673  0.090  1.00 0.00 ? 5 LEU A CG   1 
ATOM 74  C CD1  . LEU A 1 5 ? -6.440 1.416  -0.772 1.00 0.00 ? 5 LEU A CD1  1 
ATOM 75  C CD2  . LEU A 1 5 ? -6.309 2.334  1.593  1.00 0.00 ? 5 LEU A CD2  1 
ATOM 76  H H    . LEU A 1 5 ? -1.909 4.091  -0.850 1.00 0.00 ? 5 LEU A H    1 
ATOM 77  H HA   . LEU A 1 5 ? -3.586 2.458  1.044  1.00 0.00 ? 5 LEU A HA   1 
ATOM 78  H HB2  . LEU A 1 5 ? -5.028 4.452  0.254  1.00 0.00 ? 5 LEU A HB2  1 
ATOM 79  H HB3  . LEU A 1 5 ? -5.001 3.783  -1.352 1.00 0.00 ? 5 LEU A HB3  1 
ATOM 80  H HG   . LEU A 1 5 ? -7.073 3.340  -0.123 1.00 0.00 ? 5 LEU A HG   1 
ATOM 81  H HD11 . LEU A 1 5 ? -7.428 0.959  -0.575 1.00 0.00 ? 5 LEU A HD11 1 
ATOM 82  H HD12 . LEU A 1 5 ? -5.680 0.635  -0.582 1.00 0.00 ? 5 LEU A HD12 1 
ATOM 83  H HD13 . LEU A 1 5 ? -6.407 1.652  -1.852 1.00 0.00 ? 5 LEU A HD13 1 
ATOM 84  H HD21 . LEU A 1 5 ? -6.190 3.235  2.224  1.00 0.00 ? 5 LEU A HD21 1 
ATOM 85  H HD22 . LEU A 1 5 ? -5.535 1.609  1.908  1.00 0.00 ? 5 LEU A HD22 1 
ATOM 86  H HD23 . LEU A 1 5 ? -7.289 1.891  1.852  1.00 0.00 ? 5 LEU A HD23 1 
ATOM 87  N N    . LYS A 1 6 ? -2.304 0.798  -0.387 1.00 0.00 ? 6 LYS A N    1 
ATOM 88  C CA   . LYS A 1 6 ? -1.735 -0.380 -1.098 1.00 0.00 ? 6 LYS A CA   1 
ATOM 89  C C    . LYS A 1 6 ? -2.802 -1.304 -1.764 1.00 0.00 ? 6 LYS A C    1 
ATOM 90  O O    . LYS A 1 6 ? -3.819 -1.619 -1.135 1.00 0.00 ? 6 LYS A O    1 
ATOM 91  C CB   . LYS A 1 6 ? -0.877 -1.137 -0.038 1.00 0.00 ? 6 LYS A CB   1 
ATOM 92  C CG   . LYS A 1 6 ? 0.266  -2.050 -0.537 1.00 0.00 ? 6 LYS A CG   1 
ATOM 93  C CD   . LYS A 1 6 ? -0.093 -3.347 -1.292 1.00 0.00 ? 6 LYS A CD   1 
ATOM 94  C CE   . LYS A 1 6 ? -1.090 -4.330 -0.641 1.00 0.00 ? 6 LYS A CE   1 
ATOM 95  N NZ   . LYS A 1 6 ? -0.590 -4.923 0.614  1.00 0.00 ? 6 LYS A NZ   1 
ATOM 96  H H    . LYS A 1 6 ? -2.114 0.951  0.610  1.00 0.00 ? 6 LYS A H    1 
ATOM 97  H HA   . LYS A 1 6 ? -1.047 0.020  -1.871 1.00 0.00 ? 6 LYS A HA   1 
ATOM 98  H HB2  . LYS A 1 6 ? -0.367 -0.405 0.621  1.00 0.00 ? 6 LYS A HB2  1 
ATOM 99  H HB3  . LYS A 1 6 ? -1.531 -1.703 0.653  1.00 0.00 ? 6 LYS A HB3  1 
ATOM 100 H HG2  . LYS A 1 6 ? 0.950  -1.454 -1.170 1.00 0.00 ? 6 LYS A HG2  1 
ATOM 101 H HG3  . LYS A 1 6 ? 0.878  -2.332 0.339  1.00 0.00 ? 6 LYS A HG3  1 
ATOM 102 H HD2  . LYS A 1 6 ? -0.451 -3.091 -2.301 1.00 0.00 ? 6 LYS A HD2  1 
ATOM 103 H HD3  . LYS A 1 6 ? 0.849  -3.874 -1.493 1.00 0.00 ? 6 LYS A HD3  1 
ATOM 104 H HE2  . LYS A 1 6 ? -2.060 -3.838 -0.455 1.00 0.00 ? 6 LYS A HE2  1 
ATOM 105 H HE3  . LYS A 1 6 ? -1.306 -5.148 -1.354 1.00 0.00 ? 6 LYS A HE3  1 
ATOM 106 H HZ1  . LYS A 1 6 ? 0.273  -5.456 0.464  1.00 0.00 ? 6 LYS A HZ1  1 
ATOM 107 H HZ2  . LYS A 1 6 ? -1.277 -5.563 1.027  1.00 0.00 ? 6 LYS A HZ2  1 
ATOM 108 H HZ3  . LYS A 1 6 ? -0.386 -4.202 1.315  1.00 0.00 ? 6 LYS A HZ3  1 
ATOM 109 N N    . THR A 1 7 ? -2.550 -1.737 -3.017 1.00 0.00 ? 7 THR A N    1 
ATOM 110 C CA   . THR A 1 7 ? -3.459 -2.657 -3.761 1.00 0.00 ? 7 THR A CA   1 
ATOM 111 C C    . THR A 1 7 ? -2.785 -3.997 -4.213 1.00 0.00 ? 7 THR A C    1 
ATOM 112 O O    . THR A 1 7 ? -3.318 -5.048 -3.845 1.00 0.00 ? 7 THR A O    1 
ATOM 113 C CB   . THR A 1 7 ? -4.283 -1.913 -4.858 1.00 0.00 ? 7 THR A CB   1 
ATOM 114 O OG1  . THR A 1 7 ? -5.286 -2.785 -5.370 1.00 0.00 ? 7 THR A OG1  1 
ATOM 115 C CG2  . THR A 1 7 ? -3.505 -1.336 -6.052 1.00 0.00 ? 7 THR A CG2  1 
ATOM 116 H H    . THR A 1 7 ? -1.668 -1.405 -3.421 1.00 0.00 ? 7 THR A H    1 
ATOM 117 H HA   . THR A 1 7 ? -4.244 -2.995 -3.055 1.00 0.00 ? 7 THR A HA   1 
ATOM 118 H HB   . THR A 1 7 ? -4.809 -1.069 -4.373 1.00 0.00 ? 7 THR A HB   1 
ATOM 119 H HG1  . THR A 1 7 ? -5.766 -3.116 -4.607 1.00 0.00 ? 7 THR A HG1  1 
ATOM 120 H HG21 . THR A 1 7 ? -2.706 -0.643 -5.731 1.00 0.00 ? 7 THR A HG21 1 
ATOM 121 H HG22 . THR A 1 7 ? -4.173 -0.775 -6.731 1.00 0.00 ? 7 THR A HG22 1 
ATOM 122 H HG23 . THR A 1 7 ? -3.038 -2.136 -6.652 1.00 0.00 ? 7 THR A HG23 1 
ATOM 123 N N    . LEU A 1 8 ? -1.661 -4.002 -4.973 1.00 0.00 ? 8 LEU A N    1 
ATOM 124 C CA   . LEU A 1 8 ? -1.048 -5.262 -5.511 1.00 0.00 ? 8 LEU A CA   1 
ATOM 125 C C    . LEU A 1 8 ? 0.146  -5.926 -4.754 1.00 0.00 ? 8 LEU A C    1 
ATOM 126 O O    . LEU A 1 8 ? 0.188  -7.160 -4.737 1.00 0.00 ? 8 LEU A O    1 
ATOM 127 C CB   . LEU A 1 8 ? -0.872 -5.220 -7.065 1.00 0.00 ? 8 LEU A CB   1 
ATOM 128 C CG   . LEU A 1 8 ? 0.050  -4.213 -7.817 1.00 0.00 ? 8 LEU A CG   1 
ATOM 129 C CD1  . LEU A 1 8 ? -0.476 -2.766 -7.846 1.00 0.00 ? 8 LEU A CD1  1 
ATOM 130 C CD2  . LEU A 1 8 ? 1.528  -4.247 -7.400 1.00 0.00 ? 8 LEU A CD2  1 
ATOM 131 H H    . LEU A 1 8 ? -1.298 -3.074 -5.219 1.00 0.00 ? 8 LEU A H    1 
ATOM 132 H HA   . LEU A 1 8 ? -1.830 -6.045 -5.424 1.00 0.00 ? 8 LEU A HA   1 
ATOM 133 H HB2  . LEU A 1 8 ? -0.564 -6.235 -7.385 1.00 0.00 ? 8 LEU A HB2  1 
ATOM 134 H HB3  . LEU A 1 8 ? -1.882 -5.126 -7.508 1.00 0.00 ? 8 LEU A HB3  1 
ATOM 135 H HG   . LEU A 1 8 ? 0.035  -4.548 -8.871 1.00 0.00 ? 8 LEU A HG   1 
ATOM 136 H HD11 . LEU A 1 8 ? -1.503 -2.721 -8.253 1.00 0.00 ? 8 LEU A HD11 1 
ATOM 137 H HD12 . LEU A 1 8 ? 0.147  -2.119 -8.491 1.00 0.00 ? 8 LEU A HD12 1 
ATOM 138 H HD13 . LEU A 1 8 ? -0.491 -2.304 -6.843 1.00 0.00 ? 8 LEU A HD13 1 
ATOM 139 H HD21 . LEU A 1 8 ? 2.167  -3.712 -8.126 1.00 0.00 ? 8 LEU A HD21 1 
ATOM 140 H HD22 . LEU A 1 8 ? 1.913  -5.281 -7.333 1.00 0.00 ? 8 LEU A HD22 1 
ATOM 141 H HD23 . LEU A 1 8 ? 1.686  -3.764 -6.419 1.00 0.00 ? 8 LEU A HD23 1 
ATOM 142 N N    . VAL A 1 9 ? 1.100  -5.189 -4.144 1.00 0.00 ? 9 VAL A N    1 
ATOM 143 C CA   . VAL A 1 9 ? 2.279  -5.801 -3.446 1.00 0.00 ? 9 VAL A CA   1 
ATOM 144 C C    . VAL A 1 9 ? 1.905  -6.293 -2.017 1.00 0.00 ? 9 VAL A C    1 
ATOM 145 O O    . VAL A 1 9 ? 1.169  -7.300 -1.913 1.00 0.00 ? 9 VAL A O    1 
ATOM 146 C CB   . VAL A 1 9 ? 3.579  -4.915 -3.518 1.00 0.00 ? 9 VAL A CB   1 
ATOM 147 C CG1  . VAL A 1 9 ? 4.314  -5.028 -4.872 1.00 0.00 ? 9 VAL A CG1  1 
ATOM 148 C CG2  . VAL A 1 9 ? 3.403  -3.423 -3.140 1.00 0.00 ? 9 VAL A CG2  1 
ATOM 149 O OXT  . VAL A 1 9 ? 2.429  -5.768 -1.008 1.00 0.00 ? 9 VAL A OXT  1 
ATOM 150 H H    . VAL A 1 9 ? 0.989  -4.174 -4.239 1.00 0.00 ? 9 VAL A H    1 
ATOM 151 H HA   . VAL A 1 9 ? 2.544  -6.735 -3.980 1.00 0.00 ? 9 VAL A HA   1 
ATOM 152 H HB   . VAL A 1 9 ? 4.296  -5.331 -2.785 1.00 0.00 ? 9 VAL A HB   1 
ATOM 153 H HG11 . VAL A 1 9 ? 3.718  -4.628 -5.710 1.00 0.00 ? 9 VAL A HG11 1 
ATOM 154 H HG12 . VAL A 1 9 ? 4.558  -6.079 -5.115 1.00 0.00 ? 9 VAL A HG12 1 
ATOM 155 H HG13 . VAL A 1 9 ? 5.273  -4.477 -4.865 1.00 0.00 ? 9 VAL A HG13 1 
ATOM 156 H HG21 . VAL A 1 9 ? 4.371  -2.886 -3.132 1.00 0.00 ? 9 VAL A HG21 1 
ATOM 157 H HG22 . VAL A 1 9 ? 2.969  -3.305 -2.132 1.00 0.00 ? 9 VAL A HG22 1 
ATOM 158 H HG23 . VAL A 1 9 ? 2.742  -2.890 -3.848 1.00 0.00 ? 9 VAL A HG23 1 
# 
